data_5DRJ
#
_entry.id   5DRJ
#
_cell.length_a   55.950
_cell.length_b   82.510
_cell.length_c   58.510
_cell.angle_alpha   90.000
_cell.angle_beta   110.610
_cell.angle_gamma   90.000
#
_symmetry.space_group_name_H-M   'P 1 21 1'
#
loop_
_entity.id
_entity.type
_entity.pdbx_description
1 polymer 'Estrogen receptor'
2 polymer 'Nuclear receptor coactivator 2'
3 non-polymer "4,4'-(3-methylthiene-2,5-diyl)bis(3-chlorophenol)"
4 water water
#
loop_
_entity_poly.entity_id
_entity_poly.type
_entity_poly.pdbx_seq_one_letter_code
_entity_poly.pdbx_strand_id
1 'polypeptide(L)'
;IKRSKKNSLALSLTADQMVSALLDAEPPILYSEYDPTRPFSEASMMGLLTNLADRELVHMINWAKRVPGFVDLTLHDQVH
LLECAWLEILMIGLVWRSMEHPGKLLFAPNLLLDRNQGKCVEGMVEIFDMLLATSSRFRMMNLQGEEFVCLKSIILLNSG
VYTFLSSTLKSLEEKDHIHRVLDKITDTLIHLMAKAGLTLQQQHQRLAQLLLILSHIRHMSNKGMEHLYSMKCKNVVPLS
DLLLEMLDAHRLHAPTS
;
A,B
2 'polypeptide(L)' KHKILHRLLQDSSS C,D
#
loop_
_chem_comp.id
_chem_comp.type
_chem_comp.name
_chem_comp.formula
5EU non-polymer 4,4'-(3-methylthiene-2,5-diyl)bis(3-chlorophenol) 'C17 H12 Cl2 O2 S'
#
# COMPACT_ATOMS: atom_id res chain seq x y z
N SER A 8 9.83 -21.62 17.18
CA SER A 8 9.34 -20.28 17.45
C SER A 8 8.17 -20.31 18.42
N LEU A 9 8.36 -19.73 19.60
CA LEU A 9 7.35 -19.76 20.64
C LEU A 9 6.28 -18.70 20.44
N ALA A 10 6.39 -17.97 19.34
CA ALA A 10 5.41 -16.95 19.01
C ALA A 10 4.07 -17.58 18.64
N LEU A 11 4.11 -18.77 18.06
CA LEU A 11 2.90 -19.44 17.58
C LEU A 11 2.11 -20.11 18.70
N SER A 12 2.78 -20.35 19.84
CA SER A 12 2.13 -21.02 20.96
C SER A 12 1.31 -20.06 21.82
N LEU A 13 1.60 -18.77 21.68
CA LEU A 13 0.91 -17.73 22.45
C LEU A 13 -0.59 -17.73 22.19
N THR A 14 -1.38 -17.41 23.21
CA THR A 14 -2.80 -17.20 23.01
C THR A 14 -3.02 -15.80 22.47
N ALA A 15 -4.27 -15.46 22.17
CA ALA A 15 -4.60 -14.15 21.64
C ALA A 15 -4.36 -13.06 22.68
N ASP A 16 -4.78 -13.33 23.91
CA ASP A 16 -4.57 -12.40 25.02
C ASP A 16 -3.08 -12.21 25.29
N GLN A 17 -2.33 -13.30 25.24
CA GLN A 17 -0.89 -13.25 25.43
C GLN A 17 -0.21 -12.44 24.32
N MET A 18 -0.73 -12.56 23.10
CA MET A 18 -0.19 -11.81 21.97
C MET A 18 -0.41 -10.31 22.17
N VAL A 19 -1.63 -9.94 22.57
CA VAL A 19 -1.97 -8.55 22.85
C VAL A 19 -1.06 -7.96 23.92
N SER A 20 -0.94 -8.66 25.04
CA SER A 20 -0.15 -8.19 26.16
C SER A 20 1.33 -8.05 25.79
N ALA A 21 1.83 -8.98 24.99
CA ALA A 21 3.22 -8.94 24.54
C ALA A 21 3.49 -7.70 23.70
N LEU A 22 2.54 -7.35 22.85
CA LEU A 22 2.69 -6.21 21.96
C LEU A 22 2.54 -4.88 22.70
N LEU A 23 1.56 -4.82 23.60
CA LEU A 23 1.35 -3.62 24.41
C LEU A 23 2.59 -3.29 25.22
N ASP A 24 3.17 -4.30 25.85
CA ASP A 24 4.36 -4.10 26.69
C ASP A 24 5.57 -3.69 25.85
N ALA A 25 5.54 -4.00 24.56
CA ALA A 25 6.65 -3.68 23.68
C ALA A 25 6.63 -2.24 23.17
N GLU A 26 5.51 -1.54 23.42
CA GLU A 26 5.32 -0.19 22.90
C GLU A 26 6.46 0.74 23.26
N PRO A 27 7.04 1.40 22.24
CA PRO A 27 8.13 2.36 22.43
C PRO A 27 7.61 3.63 23.09
N PRO A 28 8.50 4.39 23.72
CA PRO A 28 8.11 5.65 24.38
C PRO A 28 7.70 6.74 23.41
N ILE A 29 6.93 7.71 23.91
CA ILE A 29 6.63 8.91 23.14
C ILE A 29 7.71 9.95 23.41
N LEU A 30 8.53 10.25 22.40
CA LEU A 30 9.65 11.15 22.55
C LEU A 30 9.23 12.60 22.38
N TYR A 31 10.06 13.52 22.88
CA TYR A 31 9.78 14.94 22.77
C TYR A 31 10.69 15.61 21.74
N SER A 32 10.22 16.72 21.19
CA SER A 32 11.03 17.57 20.34
C SER A 32 11.79 18.57 21.21
N GLU A 33 12.38 19.58 20.60
CA GLU A 33 13.09 20.63 21.35
C GLU A 33 12.12 21.63 21.95
N TYR A 34 12.54 22.26 23.04
CA TYR A 34 11.66 23.16 23.79
C TYR A 34 11.82 24.62 23.36
N ASP A 35 12.50 24.85 22.24
CA ASP A 35 12.66 26.19 21.71
C ASP A 35 11.32 26.73 21.21
N PRO A 36 10.82 27.81 21.83
CA PRO A 36 9.52 28.39 21.48
C PRO A 36 9.55 29.34 20.28
N THR A 37 10.66 29.34 19.54
CA THR A 37 10.82 30.25 18.41
C THR A 37 9.88 29.90 17.26
N ARG A 38 8.89 30.76 17.03
CA ARG A 38 7.91 30.55 15.97
C ARG A 38 7.84 31.79 15.07
N PRO A 39 7.51 31.60 13.78
CA PRO A 39 7.24 30.30 13.14
C PRO A 39 8.52 29.57 12.73
N PHE A 40 8.36 28.32 12.32
CA PHE A 40 9.49 27.51 11.87
C PHE A 40 9.94 27.92 10.46
N SER A 41 11.23 27.78 10.20
CA SER A 41 11.74 27.89 8.84
C SER A 41 11.74 26.50 8.23
N GLU A 42 12.03 26.41 6.94
CA GLU A 42 12.07 25.11 6.28
C GLU A 42 13.19 24.24 6.87
N ALA A 43 14.33 24.87 7.13
CA ALA A 43 15.48 24.18 7.70
C ALA A 43 15.21 23.74 9.14
N SER A 44 14.56 24.61 9.90
N SER A 44 14.56 24.61 9.90
CA SER A 44 14.25 24.32 11.30
CA SER A 44 14.26 24.31 11.31
C SER A 44 13.22 23.21 11.41
C SER A 44 13.21 23.21 11.41
N MET A 45 12.19 23.28 10.56
CA MET A 45 11.13 22.28 10.55
C MET A 45 11.67 20.89 10.22
N MET A 46 12.44 20.80 9.14
CA MET A 46 13.04 19.54 8.73
C MET A 46 14.01 19.03 9.79
N GLY A 47 14.75 19.95 10.39
CA GLY A 47 15.67 19.61 11.46
C GLY A 47 14.98 18.90 12.60
N LEU A 48 13.88 19.48 13.08
CA LEU A 48 13.12 18.90 14.18
C LEU A 48 12.53 17.54 13.82
N LEU A 49 11.98 17.43 12.62
CA LEU A 49 11.34 16.20 12.19
C LEU A 49 12.35 15.06 12.00
N THR A 50 13.49 15.37 11.40
CA THR A 50 14.50 14.35 11.13
C THR A 50 15.24 13.96 12.41
N ASN A 51 15.48 14.92 13.29
CA ASN A 51 16.09 14.62 14.57
C ASN A 51 15.18 13.70 15.40
N LEU A 52 13.88 13.99 15.37
CA LEU A 52 12.91 13.19 16.09
C LEU A 52 12.87 11.75 15.58
N ALA A 53 12.81 11.59 14.26
CA ALA A 53 12.75 10.26 13.67
C ALA A 53 13.99 9.44 13.98
N ASP A 54 15.14 10.11 13.95
CA ASP A 54 16.41 9.45 14.25
C ASP A 54 16.41 8.82 15.64
N ARG A 55 15.83 9.52 16.61
CA ARG A 55 15.79 9.03 17.98
C ARG A 55 14.70 7.96 18.15
N GLU A 56 13.62 8.10 17.39
CA GLU A 56 12.54 7.11 17.41
C GLU A 56 12.97 5.78 16.78
N LEU A 57 13.89 5.85 15.83
CA LEU A 57 14.36 4.66 15.15
C LEU A 57 15.07 3.70 16.10
N VAL A 58 15.79 4.26 17.06
CA VAL A 58 16.51 3.46 18.05
C VAL A 58 15.53 2.67 18.92
N HIS A 59 14.43 3.31 19.31
CA HIS A 59 13.41 2.66 20.10
C HIS A 59 12.60 1.67 19.26
N MET A 60 12.44 1.97 17.97
CA MET A 60 11.72 1.09 17.06
C MET A 60 12.40 -0.27 16.93
N ILE A 61 13.73 -0.24 16.87
CA ILE A 61 14.52 -1.46 16.74
C ILE A 61 14.36 -2.36 17.95
N ASN A 62 14.35 -1.76 19.14
CA ASN A 62 14.13 -2.53 20.35
C ASN A 62 12.66 -2.97 20.48
N TRP A 63 11.77 -2.21 19.87
CA TRP A 63 10.37 -2.62 19.78
C TRP A 63 10.22 -3.82 18.85
N ALA A 64 10.88 -3.75 17.70
CA ALA A 64 10.82 -4.80 16.70
C ALA A 64 11.31 -6.14 17.26
N LYS A 65 12.40 -6.11 18.01
CA LYS A 65 12.95 -7.31 18.61
C LYS A 65 12.02 -7.91 19.65
N ARG A 66 11.08 -7.11 20.14
CA ARG A 66 10.13 -7.56 21.15
C ARG A 66 8.81 -7.96 20.50
N VAL A 67 8.71 -7.82 19.18
CA VAL A 67 7.55 -8.31 18.44
C VAL A 67 7.69 -9.81 18.25
N PRO A 68 6.75 -10.59 18.79
CA PRO A 68 6.80 -12.06 18.77
C PRO A 68 7.06 -12.62 17.38
N GLY A 69 8.13 -13.42 17.25
CA GLY A 69 8.49 -14.01 15.98
C GLY A 69 9.62 -13.30 15.27
N PHE A 70 9.82 -12.02 15.59
CA PHE A 70 10.86 -11.23 14.94
C PHE A 70 12.26 -11.71 15.34
N VAL A 71 12.41 -12.14 16.59
CA VAL A 71 13.70 -12.61 17.08
C VAL A 71 14.11 -13.91 16.40
N ASP A 72 13.12 -14.67 15.92
CA ASP A 72 13.37 -15.97 15.30
C ASP A 72 13.97 -15.82 13.91
N LEU A 73 13.90 -14.61 13.36
CA LEU A 73 14.43 -14.33 12.04
C LEU A 73 15.94 -14.13 12.09
N THR A 74 16.62 -14.41 10.98
CA THR A 74 18.04 -14.13 10.89
C THR A 74 18.26 -12.61 10.90
N LEU A 75 19.49 -12.20 11.17
CA LEU A 75 19.82 -10.77 11.24
C LEU A 75 19.50 -10.05 9.94
N HIS A 76 19.95 -10.62 8.82
CA HIS A 76 19.74 -10.02 7.50
C HIS A 76 18.25 -9.81 7.21
N ASP A 77 17.43 -10.80 7.56
CA ASP A 77 15.99 -10.71 7.36
C ASP A 77 15.37 -9.63 8.23
N GLN A 78 15.84 -9.53 9.47
CA GLN A 78 15.39 -8.48 10.37
C GLN A 78 15.73 -7.11 9.79
N VAL A 79 16.92 -7.00 9.20
CA VAL A 79 17.38 -5.75 8.59
C VAL A 79 16.49 -5.38 7.40
N HIS A 80 16.21 -6.35 6.53
CA HIS A 80 15.39 -6.11 5.36
C HIS A 80 14.00 -5.57 5.74
N LEU A 81 13.40 -6.18 6.75
CA LEU A 81 12.05 -5.79 7.17
C LEU A 81 12.00 -4.36 7.70
N LEU A 82 12.99 -4.00 8.52
CA LEU A 82 13.03 -2.67 9.12
C LEU A 82 13.38 -1.60 8.09
N GLU A 83 14.29 -1.93 7.18
CA GLU A 83 14.65 -1.00 6.10
C GLU A 83 13.46 -0.70 5.21
N CYS A 84 12.64 -1.71 4.96
CA CYS A 84 11.47 -1.55 4.09
C CYS A 84 10.34 -0.78 4.78
N ALA A 85 10.19 -0.97 6.09
CA ALA A 85 8.98 -0.54 6.78
C ALA A 85 9.14 0.62 7.76
N TRP A 86 10.36 1.13 7.94
CA TRP A 86 10.62 2.07 9.03
C TRP A 86 9.77 3.34 8.96
N LEU A 87 9.55 3.86 7.76
CA LEU A 87 8.77 5.09 7.63
C LEU A 87 7.27 4.82 7.81
N GLU A 88 6.79 3.69 7.30
CA GLU A 88 5.41 3.26 7.54
C GLU A 88 5.11 3.18 9.02
N ILE A 89 6.06 2.62 9.77
CA ILE A 89 5.90 2.43 11.21
C ILE A 89 5.91 3.77 11.95
N LEU A 90 6.77 4.69 11.52
CA LEU A 90 6.78 6.04 12.10
C LEU A 90 5.46 6.74 11.82
N MET A 91 4.92 6.52 10.63
CA MET A 91 3.71 7.20 10.19
C MET A 91 2.47 6.71 10.93
N ILE A 92 2.31 5.39 11.03
CA ILE A 92 1.13 4.85 11.72
C ILE A 92 1.20 5.20 13.21
N GLY A 93 2.40 5.34 13.74
CA GLY A 93 2.58 5.82 15.10
C GLY A 93 2.11 7.26 15.22
N LEU A 94 2.59 8.10 14.31
CA LEU A 94 2.19 9.50 14.26
C LEU A 94 0.67 9.63 14.13
N VAL A 95 0.11 8.86 13.20
CA VAL A 95 -1.32 8.87 12.94
C VAL A 95 -2.12 8.47 14.17
N TRP A 96 -1.64 7.43 14.86
CA TRP A 96 -2.27 6.96 16.09
C TRP A 96 -2.25 8.03 17.18
N ARG A 97 -1.11 8.69 17.35
CA ARG A 97 -0.97 9.75 18.36
C ARG A 97 -1.85 10.96 18.05
N SER A 98 -2.16 11.16 16.78
CA SER A 98 -2.88 12.36 16.35
C SER A 98 -4.40 12.18 16.35
N MET A 99 -4.87 10.99 16.70
CA MET A 99 -6.30 10.67 16.64
C MET A 99 -7.17 11.65 17.42
N GLU A 100 -6.80 11.92 18.67
CA GLU A 100 -7.61 12.79 19.52
C GLU A 100 -7.31 14.26 19.29
N HIS A 101 -6.54 14.57 18.25
CA HIS A 101 -6.25 15.94 17.87
C HIS A 101 -6.66 16.21 16.43
N PRO A 102 -7.98 16.31 16.17
CA PRO A 102 -8.51 16.48 14.81
C PRO A 102 -7.94 17.71 14.12
N GLY A 103 -7.50 17.55 12.87
CA GLY A 103 -6.97 18.66 12.10
C GLY A 103 -5.51 18.92 12.40
N LYS A 104 -4.94 18.16 13.33
CA LYS A 104 -3.56 18.36 13.75
C LYS A 104 -2.77 17.05 13.73
N LEU A 105 -1.45 17.17 13.66
CA LEU A 105 -0.57 16.01 13.76
C LEU A 105 0.35 16.15 14.96
N LEU A 106 0.32 15.16 15.85
CA LEU A 106 1.14 15.19 17.05
C LEU A 106 2.45 14.43 16.82
N PHE A 107 3.44 15.13 16.30
CA PHE A 107 4.77 14.54 16.11
C PHE A 107 5.39 14.26 17.47
N ALA A 108 5.21 15.22 18.38
CA ALA A 108 5.64 15.09 19.76
C ALA A 108 4.65 15.88 20.62
N PRO A 109 4.58 15.58 21.92
CA PRO A 109 3.66 16.34 22.79
C PRO A 109 3.91 17.85 22.74
N ASN A 110 5.14 18.26 22.49
CA ASN A 110 5.47 19.67 22.35
C ASN A 110 5.69 20.06 20.89
N LEU A 111 5.17 19.23 19.99
CA LEU A 111 5.23 19.52 18.56
C LEU A 111 3.94 19.09 17.87
N LEU A 112 2.89 19.87 18.08
CA LEU A 112 1.59 19.63 17.47
C LEU A 112 1.39 20.60 16.31
N LEU A 113 1.26 20.07 15.09
CA LEU A 113 1.26 20.90 13.90
C LEU A 113 -0.04 20.83 13.11
N ASP A 114 -0.41 21.94 12.47
CA ASP A 114 -1.51 21.94 11.51
C ASP A 114 -0.95 22.02 10.09
N ARG A 115 -1.84 21.96 9.08
CA ARG A 115 -1.39 21.87 7.69
C ARG A 115 -0.73 23.15 7.19
N ASN A 116 -1.07 24.29 7.81
CA ASN A 116 -0.44 25.55 7.44
C ASN A 116 1.05 25.54 7.74
N GLN A 117 1.41 24.82 8.80
CA GLN A 117 2.80 24.72 9.24
C GLN A 117 3.57 23.70 8.41
N GLY A 118 2.88 23.09 7.44
CA GLY A 118 3.53 22.14 6.55
C GLY A 118 3.96 22.79 5.25
N LYS A 119 3.53 24.03 5.04
CA LYS A 119 3.82 24.75 3.81
C LYS A 119 5.23 25.35 3.83
N CYS A 120 5.84 25.40 5.01
CA CYS A 120 7.19 25.94 5.15
C CYS A 120 8.19 25.10 4.37
N VAL A 121 7.91 23.80 4.31
CA VAL A 121 8.70 22.89 3.50
C VAL A 121 7.89 22.38 2.31
N GLU A 122 8.47 22.52 1.13
CA GLU A 122 7.78 22.21 -0.12
C GLU A 122 7.48 20.72 -0.26
N GLY A 123 6.23 20.41 -0.55
CA GLY A 123 5.81 19.04 -0.76
C GLY A 123 5.45 18.28 0.51
N MET A 124 5.38 19.01 1.63
CA MET A 124 5.03 18.40 2.91
C MET A 124 3.53 18.47 3.16
N VAL A 125 2.87 19.46 2.58
CA VAL A 125 1.42 19.61 2.75
C VAL A 125 0.68 18.43 2.13
N GLU A 126 1.22 17.90 1.05
CA GLU A 126 0.65 16.72 0.39
C GLU A 126 0.60 15.55 1.36
N ILE A 127 1.74 15.28 1.98
CA ILE A 127 1.85 14.18 2.94
C ILE A 127 1.12 14.51 4.23
N PHE A 128 1.14 15.78 4.61
CA PHE A 128 0.42 16.25 5.79
C PHE A 128 -1.06 15.89 5.66
N ASP A 129 -1.66 16.28 4.53
CA ASP A 129 -3.08 16.03 4.28
C ASP A 129 -3.39 14.54 4.26
N MET A 130 -2.48 13.74 3.71
CA MET A 130 -2.66 12.30 3.68
C MET A 130 -2.63 11.73 5.10
N LEU A 131 -1.71 12.23 5.91
CA LEU A 131 -1.57 11.78 7.29
C LEU A 131 -2.78 12.16 8.13
N LEU A 132 -3.29 13.37 7.90
CA LEU A 132 -4.49 13.84 8.58
C LEU A 132 -5.70 13.02 8.19
N ALA A 133 -5.76 12.64 6.91
CA ALA A 133 -6.86 11.82 6.41
C ALA A 133 -6.85 10.45 7.06
N THR A 134 -5.68 9.87 7.21
CA THR A 134 -5.55 8.56 7.85
C THR A 134 -5.96 8.64 9.31
N SER A 135 -5.49 9.68 9.99
CA SER A 135 -5.80 9.87 11.40
C SER A 135 -7.30 10.04 11.61
N SER A 136 -7.92 10.83 10.73
CA SER A 136 -9.37 11.04 10.79
C SER A 136 -10.11 9.73 10.57
N ARG A 137 -9.59 8.90 9.66
CA ARG A 137 -10.17 7.59 9.38
C ARG A 137 -10.13 6.69 10.61
N PHE A 138 -8.98 6.66 11.27
CA PHE A 138 -8.81 5.89 12.51
C PHE A 138 -9.77 6.37 13.58
N ARG A 139 -9.96 7.68 13.65
CA ARG A 139 -10.82 8.28 14.66
C ARG A 139 -12.29 7.90 14.43
N MET A 140 -12.72 7.97 13.18
CA MET A 140 -14.10 7.61 12.83
C MET A 140 -14.34 6.11 13.00
N MET A 141 -13.28 5.31 12.89
CA MET A 141 -13.38 3.88 13.09
C MET A 141 -13.30 3.52 14.57
N ASN A 142 -12.96 4.50 15.39
CA ASN A 142 -12.73 4.29 16.82
C ASN A 142 -11.70 3.19 17.05
N LEU A 143 -10.53 3.37 16.43
CA LEU A 143 -9.44 2.40 16.55
C LEU A 143 -8.99 2.27 18.00
N GLN A 144 -8.82 1.03 18.45
CA GLN A 144 -8.40 0.77 19.82
C GLN A 144 -6.91 0.48 19.87
N GLY A 145 -6.27 0.79 21.00
CA GLY A 145 -4.85 0.60 21.17
C GLY A 145 -4.41 -0.82 20.87
N GLU A 146 -5.24 -1.79 21.27
CA GLU A 146 -4.97 -3.19 21.02
C GLU A 146 -4.96 -3.51 19.53
N GLU A 147 -5.80 -2.81 18.78
CA GLU A 147 -5.85 -2.98 17.33
C GLU A 147 -4.66 -2.30 16.66
N PHE A 148 -4.29 -1.13 17.19
CA PHE A 148 -3.17 -0.36 16.68
C PHE A 148 -1.86 -1.16 16.70
N VAL A 149 -1.55 -1.75 17.84
CA VAL A 149 -0.29 -2.49 17.98
C VAL A 149 -0.27 -3.74 17.11
N CYS A 150 -1.45 -4.30 16.82
CA CYS A 150 -1.54 -5.42 15.88
C CYS A 150 -1.21 -4.94 14.47
N LEU A 151 -1.79 -3.80 14.08
CA LEU A 151 -1.55 -3.22 12.75
C LEU A 151 -0.09 -2.83 12.54
N LYS A 152 0.53 -2.27 13.58
CA LYS A 152 1.91 -1.80 13.46
C LYS A 152 2.86 -2.98 13.27
N SER A 153 2.61 -4.06 14.02
N SER A 153 2.60 -4.06 14.03
CA SER A 153 3.42 -5.27 13.91
CA SER A 153 3.40 -5.28 13.92
C SER A 153 3.22 -5.93 12.54
C SER A 153 3.22 -5.93 12.55
N ILE A 154 2.00 -5.85 12.03
CA ILE A 154 1.68 -6.40 10.72
C ILE A 154 2.50 -5.69 9.63
N ILE A 155 2.58 -4.37 9.74
CA ILE A 155 3.41 -3.58 8.83
C ILE A 155 4.86 -4.02 8.86
N LEU A 156 5.39 -4.24 10.05
CA LEU A 156 6.77 -4.67 10.22
C LEU A 156 7.05 -5.98 9.48
N LEU A 157 6.18 -6.96 9.69
CA LEU A 157 6.39 -8.29 9.15
C LEU A 157 6.00 -8.43 7.68
N ASN A 158 5.03 -7.63 7.24
CA ASN A 158 4.47 -7.80 5.91
C ASN A 158 5.16 -7.01 4.81
N SER A 159 5.54 -5.77 5.11
CA SER A 159 5.94 -4.84 4.06
C SER A 159 7.14 -5.28 3.21
N GLY A 160 8.09 -5.99 3.82
CA GLY A 160 9.24 -6.45 3.08
C GLY A 160 9.26 -7.94 2.79
N VAL A 161 8.16 -8.63 3.09
CA VAL A 161 8.13 -10.10 3.02
C VAL A 161 8.17 -10.64 1.60
N TYR A 162 7.83 -9.82 0.60
CA TYR A 162 7.80 -10.28 -0.78
C TYR A 162 8.99 -9.80 -1.60
N THR A 163 9.98 -9.21 -0.93
CA THR A 163 11.17 -8.73 -1.62
C THR A 163 12.42 -9.40 -1.06
N PHE A 164 12.24 -10.52 -0.38
CA PHE A 164 13.35 -11.30 0.15
C PHE A 164 14.16 -11.96 -0.97
N LYS A 175 9.91 -16.97 5.13
CA LYS A 175 8.68 -16.30 4.71
C LYS A 175 7.46 -17.06 5.20
N ASP A 176 7.59 -18.39 5.30
CA ASP A 176 6.50 -19.22 5.81
C ASP A 176 6.31 -18.99 7.31
N HIS A 177 7.42 -18.82 8.02
CA HIS A 177 7.37 -18.48 9.44
C HIS A 177 6.73 -17.12 9.63
N ILE A 178 7.14 -16.16 8.80
CA ILE A 178 6.61 -14.79 8.86
C ILE A 178 5.12 -14.79 8.54
N HIS A 179 4.72 -15.57 7.54
CA HIS A 179 3.32 -15.70 7.17
C HIS A 179 2.49 -16.37 8.27
N ARG A 180 3.11 -17.27 9.01
CA ARG A 180 2.43 -17.92 10.12
C ARG A 180 2.28 -16.97 11.31
N VAL A 181 3.26 -16.10 11.52
CA VAL A 181 3.16 -15.10 12.57
C VAL A 181 2.10 -14.07 12.19
N LEU A 182 2.07 -13.72 10.90
CA LEU A 182 1.05 -12.81 10.38
C LEU A 182 -0.35 -13.37 10.63
N ASP A 183 -0.52 -14.66 10.36
CA ASP A 183 -1.80 -15.34 10.58
C ASP A 183 -2.24 -15.25 12.03
N LYS A 184 -1.29 -15.36 12.96
CA LYS A 184 -1.63 -15.33 14.37
C LYS A 184 -2.04 -13.92 14.81
N ILE A 185 -1.47 -12.92 14.17
CA ILE A 185 -1.86 -11.54 14.46
C ILE A 185 -3.27 -11.27 13.92
N THR A 186 -3.58 -11.87 12.77
CA THR A 186 -4.93 -11.82 12.24
C THR A 186 -5.92 -12.45 13.22
N ASP A 187 -5.56 -13.62 13.74
CA ASP A 187 -6.38 -14.30 14.73
C ASP A 187 -6.59 -13.41 15.96
N THR A 188 -5.55 -12.66 16.31
CA THR A 188 -5.59 -11.77 17.46
C THR A 188 -6.55 -10.62 17.21
N LEU A 189 -6.44 -10.01 16.03
CA LEU A 189 -7.33 -8.92 15.63
C LEU A 189 -8.80 -9.31 15.68
N ILE A 190 -9.12 -10.48 15.14
CA ILE A 190 -10.48 -11.02 15.19
C ILE A 190 -10.92 -11.24 16.63
N HIS A 191 -10.02 -11.82 17.42
CA HIS A 191 -10.28 -12.06 18.85
C HIS A 191 -10.67 -10.77 19.57
N LEU A 192 -9.96 -9.69 19.27
CA LEU A 192 -10.26 -8.40 19.89
C LEU A 192 -11.65 -7.88 19.50
N MET A 193 -11.99 -8.06 18.22
CA MET A 193 -13.28 -7.61 17.72
C MET A 193 -14.44 -8.44 18.27
N ALA A 194 -14.22 -9.75 18.37
CA ALA A 194 -15.22 -10.64 18.96
C ALA A 194 -15.41 -10.27 20.43
N LYS A 195 -14.31 -9.86 21.06
CA LYS A 195 -14.32 -9.47 22.47
C LYS A 195 -15.09 -8.17 22.68
N ALA A 196 -15.07 -7.31 21.67
CA ALA A 196 -15.75 -6.02 21.74
C ALA A 196 -17.23 -6.12 21.40
N GLY A 197 -17.69 -7.32 21.10
CA GLY A 197 -19.11 -7.56 20.88
C GLY A 197 -19.56 -7.53 19.43
N LEU A 198 -18.61 -7.35 18.51
CA LEU A 198 -18.94 -7.30 17.09
C LEU A 198 -19.46 -8.65 16.59
N THR A 199 -20.40 -8.61 15.66
CA THR A 199 -20.90 -9.83 15.03
C THR A 199 -19.84 -10.36 14.08
N LEU A 200 -20.06 -11.58 13.59
CA LEU A 200 -19.15 -12.21 12.63
C LEU A 200 -18.97 -11.33 11.39
N GLN A 201 -20.08 -10.82 10.88
CA GLN A 201 -20.05 -9.98 9.69
C GLN A 201 -19.25 -8.71 9.95
N GLN A 202 -19.48 -8.10 11.11
CA GLN A 202 -18.78 -6.88 11.49
C GLN A 202 -17.29 -7.14 11.72
N GLN A 203 -16.95 -8.36 12.09
CA GLN A 203 -15.57 -8.73 12.37
C GLN A 203 -14.71 -8.74 11.10
N HIS A 204 -15.17 -9.39 10.05
CA HIS A 204 -14.36 -9.45 8.83
C HIS A 204 -14.42 -8.13 8.05
N GLN A 205 -15.52 -7.39 8.21
CA GLN A 205 -15.64 -6.09 7.57
C GLN A 205 -14.63 -5.12 8.18
N ARG A 206 -14.57 -5.05 9.50
CA ARG A 206 -13.62 -4.18 10.18
C ARG A 206 -12.19 -4.62 9.90
N LEU A 207 -11.96 -5.93 9.90
CA LEU A 207 -10.65 -6.49 9.58
C LEU A 207 -10.19 -6.00 8.22
N ALA A 208 -11.08 -6.07 7.24
CA ALA A 208 -10.79 -5.62 5.88
C ALA A 208 -10.51 -4.12 5.84
N GLN A 209 -11.36 -3.34 6.50
CA GLN A 209 -11.22 -1.89 6.52
C GLN A 209 -9.86 -1.48 7.09
N LEU A 210 -9.45 -2.15 8.17
CA LEU A 210 -8.18 -1.85 8.81
C LEU A 210 -6.99 -2.17 7.91
N LEU A 211 -7.05 -3.30 7.23
CA LEU A 211 -5.93 -3.74 6.41
C LEU A 211 -5.81 -2.91 5.12
N LEU A 212 -6.93 -2.40 4.62
CA LEU A 212 -6.90 -1.58 3.41
C LEU A 212 -6.21 -0.25 3.67
N ILE A 213 -6.35 0.25 4.89
CA ILE A 213 -5.69 1.49 5.30
C ILE A 213 -4.17 1.32 5.22
N LEU A 214 -3.69 0.11 5.42
CA LEU A 214 -2.25 -0.19 5.32
C LEU A 214 -1.70 0.09 3.92
N SER A 215 -2.54 -0.09 2.90
CA SER A 215 -2.12 0.20 1.52
C SER A 215 -1.85 1.70 1.35
N HIS A 216 -2.61 2.51 2.07
CA HIS A 216 -2.48 3.96 2.03
CA HIS A 216 -2.46 3.94 2.00
C HIS A 216 -1.26 4.41 2.83
N ILE A 217 -0.99 3.72 3.93
CA ILE A 217 0.18 4.00 4.74
C ILE A 217 1.43 3.70 3.91
N ARG A 218 1.38 2.62 3.14
CA ARG A 218 2.46 2.29 2.22
C ARG A 218 2.65 3.40 1.20
N HIS A 219 1.54 3.87 0.65
CA HIS A 219 1.54 4.95 -0.34
C HIS A 219 2.17 6.21 0.22
N MET A 220 1.79 6.56 1.45
CA MET A 220 2.34 7.75 2.10
C MET A 220 3.84 7.62 2.32
N SER A 221 4.26 6.45 2.78
CA SER A 221 5.68 6.17 2.99
C SER A 221 6.47 6.31 1.69
N ASN A 222 5.92 5.80 0.60
CA ASN A 222 6.58 5.89 -0.70
C ASN A 222 6.73 7.34 -1.16
N LYS A 223 5.68 8.14 -0.98
CA LYS A 223 5.76 9.55 -1.31
C LYS A 223 6.76 10.23 -0.38
N GLY A 224 6.72 9.86 0.89
CA GLY A 224 7.62 10.42 1.88
C GLY A 224 9.08 10.12 1.62
N MET A 225 9.36 8.90 1.18
CA MET A 225 10.73 8.48 0.93
C MET A 225 11.35 9.25 -0.24
N GLU A 226 10.54 9.56 -1.24
CA GLU A 226 11.01 10.32 -2.39
C GLU A 226 11.40 11.74 -2.00
N HIS A 227 10.61 12.36 -1.13
CA HIS A 227 10.89 13.71 -0.66
C HIS A 227 12.14 13.75 0.21
N LEU A 228 12.31 12.74 1.05
CA LEU A 228 13.51 12.63 1.88
C LEU A 228 14.76 12.50 1.03
N TYR A 229 14.67 11.71 -0.03
CA TYR A 229 15.77 11.55 -0.97
C TYR A 229 16.06 12.88 -1.67
N SER A 230 14.99 13.59 -2.01
CA SER A 230 15.09 14.87 -2.70
C SER A 230 15.82 15.89 -1.83
N MET A 231 15.65 15.75 -0.52
CA MET A 231 16.33 16.63 0.40
C MET A 231 17.69 16.07 0.74
N LYS A 232 17.92 14.78 0.43
CA LYS A 232 19.26 14.23 0.57
C LYS A 232 20.19 14.78 -0.52
N CYS A 233 19.60 15.08 -1.68
CA CYS A 233 20.37 15.58 -2.79
C CYS A 233 20.63 17.10 -2.68
N LYS A 234 20.08 17.73 -1.65
CA LYS A 234 20.23 19.18 -1.47
C LYS A 234 21.26 19.57 -0.40
N ASN A 235 21.61 18.60 0.44
CA ASN A 235 22.61 18.79 1.49
CA ASN A 235 22.61 18.78 1.50
C ASN A 235 22.36 20.03 2.34
N VAL A 236 21.08 20.28 2.64
CA VAL A 236 20.69 21.41 3.48
C VAL A 236 20.42 20.94 4.92
N VAL A 237 19.42 20.10 5.13
CA VAL A 237 19.19 19.52 6.46
C VAL A 237 20.15 18.37 6.69
N PRO A 238 20.89 18.42 7.80
CA PRO A 238 21.82 17.33 8.13
C PRO A 238 21.09 16.06 8.54
N LEU A 239 21.13 15.05 7.68
CA LEU A 239 20.54 13.76 8.00
C LEU A 239 21.56 12.90 8.71
N SER A 240 21.13 12.20 9.76
CA SER A 240 22.02 11.31 10.49
C SER A 240 22.46 10.15 9.61
N ASP A 241 23.63 9.59 9.89
CA ASP A 241 24.13 8.46 9.13
C ASP A 241 23.16 7.28 9.16
N LEU A 242 22.49 7.08 10.28
CA LEU A 242 21.48 6.04 10.40
C LEU A 242 20.32 6.30 9.46
N LEU A 243 19.82 7.54 9.48
CA LEU A 243 18.71 7.93 8.60
C LEU A 243 19.12 7.79 7.13
N LEU A 244 20.36 8.14 6.83
CA LEU A 244 20.88 8.02 5.47
C LEU A 244 20.92 6.57 5.01
N GLU A 245 21.33 5.69 5.91
CA GLU A 245 21.42 4.26 5.59
C GLU A 245 20.03 3.63 5.41
N MET A 246 19.07 4.07 6.22
CA MET A 246 17.70 3.60 6.07
C MET A 246 17.13 4.10 4.73
N LEU A 247 17.42 5.35 4.42
CA LEU A 247 16.97 5.96 3.17
C LEU A 247 17.62 5.32 1.95
N ASP A 248 18.91 5.01 2.05
CA ASP A 248 19.67 4.45 0.94
C ASP A 248 19.18 3.06 0.55
N ALA A 249 18.58 2.36 1.52
CA ALA A 249 18.09 1.01 1.27
C ALA A 249 16.90 1.00 0.31
N HIS A 250 16.25 2.16 0.17
CA HIS A 250 15.09 2.28 -0.71
C HIS A 250 15.48 2.75 -2.11
N ARG A 251 16.77 3.01 -2.32
CA ARG A 251 17.25 3.46 -3.62
C ARG A 251 18.11 2.39 -4.28
N SER B 8 -29.40 3.05 -5.32
CA SER B 8 -28.35 2.21 -5.89
C SER B 8 -28.76 0.74 -5.92
N LEU B 9 -28.05 -0.04 -6.73
CA LEU B 9 -28.35 -1.47 -6.85
C LEU B 9 -27.15 -2.32 -6.44
N ALA B 10 -26.05 -1.66 -6.12
CA ALA B 10 -24.84 -2.36 -5.70
C ALA B 10 -25.00 -2.96 -4.31
N LEU B 11 -25.82 -2.32 -3.49
CA LEU B 11 -26.03 -2.77 -2.12
C LEU B 11 -27.13 -3.82 -2.05
N SER B 12 -27.80 -4.06 -3.17
CA SER B 12 -28.91 -4.99 -3.22
C SER B 12 -28.52 -6.30 -3.90
N LEU B 13 -27.22 -6.49 -4.10
CA LEU B 13 -26.72 -7.70 -4.73
C LEU B 13 -26.34 -8.76 -3.70
N THR B 14 -26.67 -10.01 -4.00
CA THR B 14 -26.19 -11.13 -3.19
C THR B 14 -24.73 -11.37 -3.54
N ALA B 15 -24.07 -12.23 -2.77
CA ALA B 15 -22.66 -12.51 -2.99
C ALA B 15 -22.43 -13.15 -4.35
N ASP B 16 -23.28 -14.11 -4.70
CA ASP B 16 -23.18 -14.79 -5.98
C ASP B 16 -23.44 -13.84 -7.15
N GLN B 17 -24.38 -12.91 -6.95
CA GLN B 17 -24.68 -11.92 -7.97
C GLN B 17 -23.54 -10.93 -8.14
N MET B 18 -22.86 -10.62 -7.03
CA MET B 18 -21.68 -9.78 -7.07
C MET B 18 -20.60 -10.44 -7.90
N VAL B 19 -20.37 -11.73 -7.64
CA VAL B 19 -19.36 -12.51 -8.36
C VAL B 19 -19.63 -12.55 -9.86
N SER B 20 -20.87 -12.91 -10.22
CA SER B 20 -21.24 -13.04 -11.63
C SER B 20 -21.12 -11.70 -12.36
N ALA B 21 -21.48 -10.62 -11.68
CA ALA B 21 -21.38 -9.29 -12.26
C ALA B 21 -19.93 -8.92 -12.54
N LEU B 22 -19.05 -9.24 -11.60
CA LEU B 22 -17.63 -8.94 -11.75
C LEU B 22 -16.99 -9.81 -12.84
N LEU B 23 -17.33 -11.09 -12.87
CA LEU B 23 -16.80 -12.01 -13.87
C LEU B 23 -17.21 -11.61 -15.29
N ASP B 24 -18.48 -11.23 -15.46
CA ASP B 24 -19.00 -10.82 -16.76
C ASP B 24 -18.33 -9.53 -17.26
N ALA B 25 -17.84 -8.73 -16.31
CA ALA B 25 -17.29 -7.42 -16.63
C ALA B 25 -15.80 -7.49 -16.97
N GLU B 26 -15.23 -8.68 -16.86
CA GLU B 26 -13.81 -8.88 -17.09
C GLU B 26 -13.40 -8.41 -18.48
N PRO B 27 -12.37 -7.55 -18.55
CA PRO B 27 -11.86 -7.07 -19.83
C PRO B 27 -11.17 -8.20 -20.59
N PRO B 28 -11.02 -8.06 -21.90
CA PRO B 28 -10.35 -9.11 -22.67
C PRO B 28 -8.84 -9.06 -22.52
N ILE B 29 -8.17 -10.15 -22.89
CA ILE B 29 -6.71 -10.20 -22.89
C ILE B 29 -6.17 -9.74 -24.24
N LEU B 30 -5.49 -8.60 -24.24
CA LEU B 30 -5.02 -7.99 -25.48
C LEU B 30 -3.66 -8.53 -25.90
N TYR B 31 -3.34 -8.39 -27.19
CA TYR B 31 -2.05 -8.79 -27.70
C TYR B 31 -1.13 -7.58 -27.82
N SER B 32 0.17 -7.82 -27.69
CA SER B 32 1.16 -6.78 -27.93
C SER B 32 1.54 -6.78 -29.41
N GLU B 33 2.27 -5.75 -29.83
CA GLU B 33 2.75 -5.67 -31.21
C GLU B 33 4.12 -6.31 -31.35
N TYR B 34 4.41 -7.27 -30.47
CA TYR B 34 5.70 -7.93 -30.43
C TYR B 34 6.02 -8.64 -31.74
N ASP B 35 7.12 -8.21 -32.37
CA ASP B 35 7.61 -8.82 -33.60
C ASP B 35 8.89 -9.58 -33.33
N PRO B 36 8.81 -10.92 -33.26
CA PRO B 36 9.94 -11.80 -32.91
C PRO B 36 11.10 -11.73 -33.90
N THR B 37 10.88 -11.10 -35.05
CA THR B 37 11.95 -10.89 -36.01
C THR B 37 12.74 -9.65 -35.66
N ARG B 38 12.04 -8.63 -35.17
CA ARG B 38 12.68 -7.39 -34.77
C ARG B 38 13.55 -7.58 -33.53
N PRO B 39 14.83 -7.20 -33.62
CA PRO B 39 15.74 -7.29 -32.47
C PRO B 39 15.30 -6.37 -31.34
N PHE B 40 15.39 -6.85 -30.11
CA PHE B 40 14.95 -6.08 -28.95
C PHE B 40 15.91 -4.94 -28.62
N SER B 41 15.35 -3.78 -28.32
CA SER B 41 16.10 -2.67 -27.76
C SER B 41 15.29 -2.10 -26.59
N GLU B 42 15.94 -1.30 -25.74
CA GLU B 42 15.25 -0.79 -24.57
C GLU B 42 14.10 0.14 -24.97
N ALA B 43 14.30 0.88 -26.06
CA ALA B 43 13.27 1.77 -26.57
C ALA B 43 12.06 1.00 -27.10
N SER B 44 12.31 -0.02 -27.92
CA SER B 44 11.25 -0.81 -28.52
C SER B 44 10.53 -1.65 -27.47
N MET B 45 11.31 -2.31 -26.61
CA MET B 45 10.77 -3.15 -25.55
C MET B 45 9.81 -2.38 -24.65
N MET B 46 10.23 -1.18 -24.25
CA MET B 46 9.40 -0.33 -23.41
C MET B 46 8.22 0.21 -24.19
N GLY B 47 8.42 0.42 -25.49
CA GLY B 47 7.36 0.86 -26.37
C GLY B 47 6.24 -0.16 -26.42
N LEU B 48 6.61 -1.44 -26.43
CA LEU B 48 5.64 -2.53 -26.44
C LEU B 48 4.77 -2.50 -25.19
N LEU B 49 5.41 -2.30 -24.03
CA LEU B 49 4.69 -2.33 -22.76
C LEU B 49 3.78 -1.12 -22.60
N THR B 50 4.25 0.04 -23.05
CA THR B 50 3.48 1.27 -22.94
C THR B 50 2.34 1.32 -23.96
N ASN B 51 2.58 0.79 -25.14
CA ASN B 51 1.54 0.66 -26.15
C ASN B 51 0.43 -0.27 -25.64
N LEU B 52 0.83 -1.38 -25.05
CA LEU B 52 -0.13 -2.36 -24.53
C LEU B 52 -0.97 -1.75 -23.42
N ALA B 53 -0.32 -1.07 -22.49
CA ALA B 53 -1.02 -0.43 -21.37
C ALA B 53 -2.04 0.59 -21.86
N ASP B 54 -1.66 1.36 -22.87
CA ASP B 54 -2.55 2.37 -23.43
C ASP B 54 -3.83 1.75 -23.97
N ARG B 55 -3.70 0.65 -24.70
CA ARG B 55 -4.86 -0.05 -25.24
C ARG B 55 -5.66 -0.73 -24.13
N GLU B 56 -4.97 -1.19 -23.09
CA GLU B 56 -5.65 -1.80 -21.95
C GLU B 56 -6.43 -0.76 -21.14
N LEU B 57 -5.92 0.46 -21.09
CA LEU B 57 -6.57 1.53 -20.34
C LEU B 57 -7.99 1.79 -20.82
N VAL B 58 -8.20 1.73 -22.13
CA VAL B 58 -9.51 1.96 -22.70
C VAL B 58 -10.51 0.91 -22.20
N HIS B 59 -10.08 -0.34 -22.13
CA HIS B 59 -10.93 -1.43 -21.65
C HIS B 59 -11.14 -1.34 -20.15
N MET B 60 -10.13 -0.88 -19.43
CA MET B 60 -10.22 -0.75 -17.98
C MET B 60 -11.30 0.27 -17.60
N ILE B 61 -11.33 1.39 -18.33
CA ILE B 61 -12.30 2.44 -18.10
C ILE B 61 -13.74 1.94 -18.25
N ASN B 62 -13.98 1.14 -19.29
CA ASN B 62 -15.31 0.60 -19.51
C ASN B 62 -15.60 -0.60 -18.60
N TRP B 63 -14.54 -1.20 -18.07
CA TRP B 63 -14.69 -2.23 -17.05
C TRP B 63 -15.10 -1.60 -15.72
N ALA B 64 -14.48 -0.46 -15.40
CA ALA B 64 -14.73 0.21 -14.13
C ALA B 64 -16.19 0.63 -14.02
N LYS B 65 -16.79 1.01 -15.14
CA LYS B 65 -18.19 1.38 -15.18
C LYS B 65 -19.11 0.22 -14.78
N ARG B 66 -18.65 -1.00 -14.98
CA ARG B 66 -19.45 -2.18 -14.68
C ARG B 66 -19.18 -2.71 -13.27
N VAL B 67 -18.26 -2.07 -12.56
CA VAL B 67 -18.03 -2.38 -11.16
C VAL B 67 -19.16 -1.79 -10.34
N PRO B 68 -19.88 -2.64 -9.58
CA PRO B 68 -21.04 -2.21 -8.79
C PRO B 68 -20.72 -1.02 -7.88
N GLY B 69 -21.49 0.06 -8.02
CA GLY B 69 -21.31 1.23 -7.19
C GLY B 69 -20.49 2.33 -7.85
N PHE B 70 -19.72 1.98 -8.87
CA PHE B 70 -18.80 2.92 -9.49
C PHE B 70 -19.52 4.03 -10.25
N VAL B 71 -20.59 3.69 -10.95
CA VAL B 71 -21.37 4.68 -11.69
C VAL B 71 -22.19 5.57 -10.77
N ASP B 72 -22.35 5.15 -9.52
CA ASP B 72 -23.09 5.95 -8.54
C ASP B 72 -22.27 7.13 -8.08
N LEU B 73 -20.98 7.10 -8.36
CA LEU B 73 -20.07 8.18 -7.98
C LEU B 73 -20.13 9.32 -9.00
N THR B 74 -19.71 10.50 -8.58
CA THR B 74 -19.62 11.63 -9.48
C THR B 74 -18.55 11.37 -10.54
N LEU B 75 -18.63 12.08 -11.64
CA LEU B 75 -17.67 11.95 -12.72
C LEU B 75 -16.27 12.32 -12.22
N HIS B 76 -16.20 13.33 -11.37
CA HIS B 76 -14.94 13.77 -10.79
C HIS B 76 -14.32 12.69 -9.90
N ASP B 77 -15.16 12.01 -9.14
CA ASP B 77 -14.70 10.94 -8.25
C ASP B 77 -14.23 9.72 -9.05
N GLN B 78 -14.94 9.41 -10.12
CA GLN B 78 -14.56 8.29 -10.99
C GLN B 78 -13.19 8.55 -11.60
N VAL B 79 -12.98 9.77 -12.07
CA VAL B 79 -11.71 10.18 -12.64
C VAL B 79 -10.56 10.00 -11.65
N HIS B 80 -10.78 10.50 -10.43
CA HIS B 80 -9.77 10.43 -9.39
C HIS B 80 -9.41 9.00 -9.03
N LEU B 81 -10.41 8.15 -8.88
CA LEU B 81 -10.18 6.75 -8.51
C LEU B 81 -9.34 6.01 -9.55
N LEU B 82 -9.65 6.22 -10.83
CA LEU B 82 -8.90 5.57 -11.90
C LEU B 82 -7.49 6.11 -12.04
N GLU B 83 -7.33 7.43 -11.86
CA GLU B 83 -6.02 8.06 -11.92
C GLU B 83 -5.08 7.49 -10.87
N CYS B 84 -5.62 7.19 -9.69
CA CYS B 84 -4.82 6.62 -8.61
C CYS B 84 -4.52 5.14 -8.82
N ALA B 85 -5.47 4.41 -9.38
CA ALA B 85 -5.43 2.94 -9.34
C ALA B 85 -5.02 2.24 -10.64
N TRP B 86 -4.90 2.99 -11.74
CA TRP B 86 -4.79 2.34 -13.05
C TRP B 86 -3.58 1.40 -13.19
N LEU B 87 -2.45 1.77 -12.62
CA LEU B 87 -1.24 0.95 -12.72
C LEU B 87 -1.31 -0.26 -11.77
N GLU B 88 -1.94 -0.06 -10.61
CA GLU B 88 -2.19 -1.18 -9.69
C GLU B 88 -3.06 -2.23 -10.36
N ILE B 89 -4.07 -1.76 -11.08
CA ILE B 89 -5.03 -2.63 -11.76
C ILE B 89 -4.38 -3.37 -12.92
N LEU B 90 -3.54 -2.67 -13.68
CA LEU B 90 -2.75 -3.31 -14.73
C LEU B 90 -1.86 -4.39 -14.13
N MET B 91 -1.21 -4.05 -13.03
CA MET B 91 -0.24 -4.95 -12.41
C MET B 91 -0.88 -6.20 -11.82
N ILE B 92 -2.01 -6.06 -11.13
CA ILE B 92 -2.66 -7.23 -10.54
C ILE B 92 -3.21 -8.10 -11.66
N GLY B 93 -3.57 -7.49 -12.79
CA GLY B 93 -3.99 -8.22 -13.96
C GLY B 93 -2.82 -9.02 -14.52
N LEU B 94 -1.67 -8.36 -14.62
CA LEU B 94 -0.46 -9.02 -15.10
C LEU B 94 -0.07 -10.23 -14.26
N VAL B 95 -0.03 -10.06 -12.95
CA VAL B 95 0.44 -11.13 -12.07
C VAL B 95 -0.57 -12.28 -12.03
N TRP B 96 -1.84 -11.97 -12.28
CA TRP B 96 -2.87 -12.99 -12.36
C TRP B 96 -2.69 -13.84 -13.61
N ARG B 97 -2.46 -13.18 -14.75
CA ARG B 97 -2.21 -13.87 -16.01
C ARG B 97 -0.95 -14.73 -15.95
N SER B 98 -0.01 -14.33 -15.09
CA SER B 98 1.32 -14.95 -15.05
C SER B 98 1.43 -16.11 -14.05
N MET B 99 0.34 -16.39 -13.34
CA MET B 99 0.35 -17.40 -12.28
C MET B 99 0.84 -18.77 -12.76
N GLU B 100 0.36 -19.20 -13.92
CA GLU B 100 0.69 -20.52 -14.44
C GLU B 100 2.05 -20.53 -15.15
N HIS B 101 2.76 -19.40 -15.12
CA HIS B 101 4.04 -19.29 -15.80
C HIS B 101 5.15 -18.87 -14.83
N PRO B 102 5.66 -19.83 -14.04
CA PRO B 102 6.70 -19.56 -13.05
C PRO B 102 7.95 -18.92 -13.65
N GLY B 103 8.42 -17.84 -13.04
CA GLY B 103 9.61 -17.16 -13.49
C GLY B 103 9.37 -16.31 -14.73
N LYS B 104 8.10 -16.19 -15.12
CA LYS B 104 7.76 -15.45 -16.33
C LYS B 104 6.58 -14.50 -16.10
N LEU B 105 6.59 -13.40 -16.84
CA LEU B 105 5.49 -12.44 -16.81
C LEU B 105 4.76 -12.43 -18.15
N LEU B 106 3.48 -12.78 -18.13
CA LEU B 106 2.68 -12.80 -19.35
C LEU B 106 2.00 -11.45 -19.56
N PHE B 107 2.73 -10.50 -20.15
CA PHE B 107 2.16 -9.20 -20.48
C PHE B 107 1.06 -9.37 -21.53
N ALA B 108 1.31 -10.28 -22.46
CA ALA B 108 0.36 -10.63 -23.51
C ALA B 108 0.64 -12.07 -23.91
N PRO B 109 -0.33 -12.74 -24.56
CA PRO B 109 -0.08 -14.13 -24.98
C PRO B 109 1.16 -14.27 -25.86
N ASN B 110 1.50 -13.22 -26.60
CA ASN B 110 2.66 -13.25 -27.47
C ASN B 110 3.83 -12.48 -26.90
N LEU B 111 3.73 -12.10 -25.63
CA LEU B 111 4.81 -11.38 -24.96
C LEU B 111 5.04 -11.95 -23.57
N LEU B 112 5.90 -12.95 -23.49
CA LEU B 112 6.20 -13.64 -22.24
C LEU B 112 7.66 -13.41 -21.85
N LEU B 113 7.87 -12.69 -20.75
CA LEU B 113 9.21 -12.25 -20.39
C LEU B 113 9.69 -12.77 -19.04
N ASP B 114 10.99 -13.01 -18.95
CA ASP B 114 11.64 -13.30 -17.68
C ASP B 114 12.53 -12.12 -17.29
N ARG B 115 13.21 -12.22 -16.15
CA ARG B 115 13.95 -11.09 -15.60
C ARG B 115 15.18 -10.71 -16.44
N ASN B 116 15.73 -11.67 -17.18
CA ASN B 116 16.90 -11.40 -18.00
C ASN B 116 16.57 -10.45 -19.15
N GLN B 117 15.33 -10.53 -19.63
CA GLN B 117 14.86 -9.61 -20.66
C GLN B 117 14.33 -8.34 -20.03
N GLY B 118 14.38 -8.29 -18.70
CA GLY B 118 14.02 -7.09 -17.97
C GLY B 118 15.23 -6.18 -17.84
N LYS B 119 16.41 -6.79 -17.79
CA LYS B 119 17.67 -6.05 -17.73
C LYS B 119 17.84 -5.18 -18.98
N CYS B 120 17.01 -5.47 -19.96
CA CYS B 120 16.88 -4.73 -21.19
C CYS B 120 16.75 -3.25 -21.00
N VAL B 121 16.41 -2.85 -19.78
CA VAL B 121 15.83 -1.57 -19.48
C VAL B 121 16.30 -1.23 -18.08
N GLU B 122 16.80 -0.03 -17.89
CA GLU B 122 17.43 0.29 -16.65
C GLU B 122 16.31 0.50 -15.67
N GLY B 123 16.35 -0.23 -14.57
CA GLY B 123 15.37 -0.05 -13.53
C GLY B 123 14.23 -1.05 -13.52
N MET B 124 14.06 -1.81 -14.58
CA MET B 124 12.87 -2.61 -14.71
C MET B 124 13.04 -3.94 -14.03
N VAL B 125 14.27 -4.36 -13.84
CA VAL B 125 14.54 -5.65 -13.25
C VAL B 125 14.00 -5.75 -11.83
N GLU B 126 14.10 -4.66 -11.10
CA GLU B 126 13.59 -4.61 -9.74
C GLU B 126 12.08 -4.73 -9.73
N ILE B 127 11.44 -4.03 -10.67
CA ILE B 127 9.99 -4.10 -10.83
C ILE B 127 9.55 -5.49 -11.24
N PHE B 128 10.30 -6.10 -12.16
CA PHE B 128 10.03 -7.45 -12.63
C PHE B 128 10.06 -8.47 -11.49
N ASP B 129 11.11 -8.41 -10.67
CA ASP B 129 11.25 -9.31 -9.53
C ASP B 129 10.10 -9.19 -8.55
N MET B 130 9.66 -7.96 -8.31
CA MET B 130 8.54 -7.72 -7.41
C MET B 130 7.25 -8.32 -7.98
N LEU B 131 7.06 -8.14 -9.28
CA LEU B 131 5.88 -8.69 -9.96
C LEU B 131 5.91 -10.21 -9.97
N LEU B 132 7.09 -10.77 -10.22
CA LEU B 132 7.26 -12.22 -10.20
C LEU B 132 6.95 -12.80 -8.83
N ALA B 133 7.40 -12.10 -7.78
CA ALA B 133 7.17 -12.54 -6.41
C ALA B 133 5.69 -12.49 -6.05
N THR B 134 4.99 -11.48 -6.55
CA THR B 134 3.57 -11.34 -6.32
C THR B 134 2.83 -12.50 -6.98
N SER B 135 3.27 -12.86 -8.18
CA SER B 135 2.64 -13.93 -8.94
C SER B 135 2.89 -15.29 -8.28
N SER B 136 4.09 -15.47 -7.75
CA SER B 136 4.44 -16.68 -7.01
C SER B 136 3.57 -16.81 -5.77
N ARG B 137 3.33 -15.69 -5.10
CA ARG B 137 2.49 -15.67 -3.90
C ARG B 137 1.05 -16.07 -4.23
N PHE B 138 0.53 -15.56 -5.35
CA PHE B 138 -0.81 -15.93 -5.80
C PHE B 138 -0.88 -17.43 -6.12
N ARG B 139 0.20 -17.97 -6.68
CA ARG B 139 0.21 -19.36 -7.09
C ARG B 139 0.21 -20.29 -5.87
N MET B 140 0.99 -19.95 -4.85
CA MET B 140 1.05 -20.76 -3.65
C MET B 140 -0.24 -20.66 -2.84
N MET B 141 -0.91 -19.50 -2.93
CA MET B 141 -2.19 -19.32 -2.26
C MET B 141 -3.32 -19.96 -3.06
N ASN B 142 -3.01 -20.36 -4.29
CA ASN B 142 -3.99 -20.87 -5.23
C ASN B 142 -5.15 -19.89 -5.36
N LEU B 143 -4.82 -18.65 -5.72
CA LEU B 143 -5.82 -17.61 -5.90
C LEU B 143 -6.86 -18.04 -6.93
N GLN B 144 -8.13 -17.86 -6.59
CA GLN B 144 -9.22 -18.23 -7.50
C GLN B 144 -9.65 -17.01 -8.30
N GLY B 145 -10.19 -17.27 -9.49
CA GLY B 145 -10.65 -16.20 -10.37
C GLY B 145 -11.70 -15.32 -9.73
N GLU B 146 -12.54 -15.94 -8.91
CA GLU B 146 -13.60 -15.22 -8.21
C GLU B 146 -13.00 -14.26 -7.17
N GLU B 147 -11.91 -14.69 -6.55
CA GLU B 147 -11.21 -13.86 -5.57
C GLU B 147 -10.46 -12.73 -6.25
N PHE B 148 -9.88 -13.03 -7.41
CA PHE B 148 -9.12 -12.05 -8.18
C PHE B 148 -9.98 -10.85 -8.59
N VAL B 149 -11.16 -11.12 -9.15
CA VAL B 149 -12.03 -10.03 -9.60
C VAL B 149 -12.53 -9.21 -8.41
N CYS B 150 -12.67 -9.83 -7.24
CA CYS B 150 -13.00 -9.10 -6.02
C CYS B 150 -11.86 -8.16 -5.64
N LEU B 151 -10.64 -8.69 -5.60
CA LEU B 151 -9.45 -7.91 -5.24
C LEU B 151 -9.23 -6.71 -6.18
N LYS B 152 -9.43 -6.95 -7.47
CA LYS B 152 -9.23 -5.89 -8.46
C LYS B 152 -10.27 -4.77 -8.30
N SER B 153 -11.49 -5.14 -7.92
CA SER B 153 -12.54 -4.15 -7.67
C SER B 153 -12.24 -3.37 -6.39
N ILE B 154 -11.69 -4.06 -5.40
CA ILE B 154 -11.28 -3.42 -4.16
C ILE B 154 -10.21 -2.36 -4.41
N ILE B 155 -9.24 -2.69 -5.25
CA ILE B 155 -8.18 -1.74 -5.59
C ILE B 155 -8.74 -0.46 -6.20
N LEU B 156 -9.61 -0.61 -7.18
CA LEU B 156 -10.25 0.53 -7.85
C LEU B 156 -10.95 1.47 -6.87
N LEU B 157 -11.71 0.89 -5.94
CA LEU B 157 -12.51 1.68 -5.01
C LEU B 157 -11.71 2.20 -3.82
N ASN B 158 -10.68 1.46 -3.43
CA ASN B 158 -9.94 1.77 -2.21
C ASN B 158 -8.74 2.70 -2.41
N SER B 159 -8.04 2.55 -3.52
CA SER B 159 -6.75 3.21 -3.70
C SER B 159 -6.82 4.73 -3.65
N GLY B 160 -7.92 5.30 -4.11
CA GLY B 160 -8.06 6.74 -4.14
C GLY B 160 -9.03 7.31 -3.13
N VAL B 161 -9.66 6.45 -2.35
CA VAL B 161 -10.75 6.86 -1.47
C VAL B 161 -10.31 7.78 -0.33
N TYR B 162 -9.01 7.80 -0.04
CA TYR B 162 -8.50 8.61 1.07
C TYR B 162 -7.78 9.87 0.61
N THR B 163 -7.86 10.17 -0.69
CA THR B 163 -7.21 11.35 -1.24
C THR B 163 -8.20 12.27 -1.95
N PHE B 164 -9.48 12.16 -1.60
CA PHE B 164 -10.52 13.02 -2.15
C PHE B 164 -10.35 14.46 -1.67
N THR B 168 -15.20 17.95 3.38
CA THR B 168 -15.88 18.92 2.53
C THR B 168 -17.27 19.25 3.07
N LEU B 169 -18.22 18.40 2.69
CA LEU B 169 -19.62 18.54 3.09
C LEU B 169 -20.25 17.16 3.18
N LYS B 170 -21.04 16.82 2.18
CA LYS B 170 -21.54 15.47 2.05
C LYS B 170 -21.64 15.03 0.56
N SER B 171 -20.55 14.71 -0.15
CA SER B 171 -19.11 14.97 0.11
C SER B 171 -18.54 14.16 1.30
N LEU B 172 -19.22 13.04 1.56
CA LEU B 172 -18.96 12.17 2.70
C LEU B 172 -19.83 10.93 2.56
N GLU B 173 -21.09 11.16 2.16
CA GLU B 173 -22.01 10.07 1.84
C GLU B 173 -21.56 9.40 0.55
N GLU B 174 -20.77 10.11 -0.24
CA GLU B 174 -20.15 9.56 -1.44
C GLU B 174 -19.02 8.61 -1.04
N LYS B 175 -18.20 9.04 -0.08
CA LYS B 175 -17.13 8.20 0.44
C LYS B 175 -17.72 7.09 1.31
N ASP B 176 -18.81 7.40 2.00
CA ASP B 176 -19.49 6.41 2.82
C ASP B 176 -20.11 5.32 1.95
N HIS B 177 -20.55 5.71 0.76
CA HIS B 177 -21.11 4.76 -0.19
C HIS B 177 -20.04 3.78 -0.68
N ILE B 178 -18.87 4.30 -1.00
CA ILE B 178 -17.75 3.49 -1.44
C ILE B 178 -17.39 2.45 -0.38
N HIS B 179 -17.42 2.85 0.88
CA HIS B 179 -17.09 1.95 1.97
C HIS B 179 -18.15 0.87 2.17
N ARG B 180 -19.40 1.20 1.87
CA ARG B 180 -20.47 0.20 1.94
C ARG B 180 -20.30 -0.83 0.83
N VAL B 181 -19.90 -0.37 -0.35
CA VAL B 181 -19.64 -1.28 -1.46
C VAL B 181 -18.43 -2.13 -1.15
N LEU B 182 -17.39 -1.52 -0.59
CA LEU B 182 -16.19 -2.24 -0.18
C LEU B 182 -16.52 -3.33 0.83
N ASP B 183 -17.41 -3.01 1.77
CA ASP B 183 -17.88 -3.98 2.75
C ASP B 183 -18.62 -5.14 2.09
N LYS B 184 -19.44 -4.81 1.09
CA LYS B 184 -20.15 -5.83 0.33
C LYS B 184 -19.19 -6.80 -0.36
N ILE B 185 -18.08 -6.26 -0.87
CA ILE B 185 -17.08 -7.08 -1.54
C ILE B 185 -16.34 -7.95 -0.53
N THR B 186 -16.13 -7.41 0.67
CA THR B 186 -15.53 -8.19 1.75
C THR B 186 -16.44 -9.37 2.09
N ASP B 187 -17.73 -9.10 2.19
CA ASP B 187 -18.73 -10.15 2.44
C ASP B 187 -18.68 -11.21 1.35
N THR B 188 -18.49 -10.77 0.11
CA THR B 188 -18.42 -11.67 -1.02
C THR B 188 -17.19 -12.58 -0.95
N LEU B 189 -16.06 -12.00 -0.56
CA LEU B 189 -14.82 -12.77 -0.39
C LEU B 189 -14.99 -13.86 0.67
N ILE B 190 -15.57 -13.48 1.80
CA ILE B 190 -15.83 -14.44 2.88
C ILE B 190 -16.78 -15.53 2.41
N HIS B 191 -17.79 -15.15 1.65
CA HIS B 191 -18.76 -16.10 1.10
C HIS B 191 -18.07 -17.13 0.21
N LEU B 192 -17.16 -16.66 -0.63
CA LEU B 192 -16.41 -17.54 -1.52
C LEU B 192 -15.58 -18.55 -0.74
N MET B 193 -14.97 -18.08 0.34
CA MET B 193 -14.08 -18.91 1.14
C MET B 193 -14.84 -19.94 1.97
N ALA B 194 -15.99 -19.54 2.49
CA ALA B 194 -16.86 -20.47 3.21
C ALA B 194 -17.38 -21.54 2.26
N LYS B 195 -17.61 -21.13 1.02
CA LYS B 195 -18.09 -22.05 -0.02
C LYS B 195 -17.00 -23.05 -0.40
N ALA B 196 -15.75 -22.66 -0.20
CA ALA B 196 -14.61 -23.49 -0.56
C ALA B 196 -14.26 -24.48 0.56
N GLY B 197 -14.99 -24.42 1.66
CA GLY B 197 -14.82 -25.35 2.75
C GLY B 197 -13.86 -24.90 3.84
N LEU B 198 -13.51 -23.61 3.83
CA LEU B 198 -12.64 -23.06 4.86
C LEU B 198 -13.40 -22.86 6.18
N THR B 199 -12.72 -23.14 7.29
CA THR B 199 -13.28 -22.82 8.60
C THR B 199 -13.26 -21.30 8.80
N LEU B 200 -13.93 -20.83 9.83
CA LEU B 200 -13.98 -19.39 10.10
C LEU B 200 -12.60 -18.79 10.32
N GLN B 201 -11.74 -19.52 11.04
CA GLN B 201 -10.38 -19.05 11.27
C GLN B 201 -9.62 -18.96 9.95
N GLN B 202 -9.79 -19.96 9.10
CA GLN B 202 -9.12 -20.01 7.81
C GLN B 202 -9.63 -18.91 6.88
N GLN B 203 -10.92 -18.60 6.98
CA GLN B 203 -11.53 -17.54 6.18
C GLN B 203 -10.90 -16.19 6.49
N HIS B 204 -10.86 -15.85 7.77
CA HIS B 204 -10.31 -14.57 8.20
C HIS B 204 -8.84 -14.46 7.86
N GLN B 205 -8.12 -15.58 7.95
CA GLN B 205 -6.70 -15.60 7.64
C GLN B 205 -6.46 -15.36 6.15
N ARG B 206 -7.20 -16.08 5.31
CA ARG B 206 -7.02 -15.93 3.87
C ARG B 206 -7.41 -14.53 3.41
N LEU B 207 -8.47 -13.98 4.02
CA LEU B 207 -8.90 -12.63 3.73
C LEU B 207 -7.79 -11.63 4.04
N ALA B 208 -7.15 -11.82 5.18
CA ALA B 208 -6.03 -10.97 5.57
C ALA B 208 -4.87 -11.10 4.60
N GLN B 209 -4.52 -12.35 4.26
CA GLN B 209 -3.41 -12.64 3.36
C GLN B 209 -3.61 -11.95 2.01
N LEU B 210 -4.84 -11.94 1.53
CA LEU B 210 -5.16 -11.36 0.22
C LEU B 210 -5.08 -9.83 0.23
N LEU B 211 -5.58 -9.21 1.28
CA LEU B 211 -5.59 -7.76 1.39
C LEU B 211 -4.21 -7.19 1.68
N LEU B 212 -3.36 -7.97 2.34
CA LEU B 212 -1.99 -7.53 2.60
C LEU B 212 -1.15 -7.51 1.33
N ILE B 213 -1.51 -8.35 0.36
CA ILE B 213 -0.82 -8.35 -0.93
C ILE B 213 -1.09 -7.03 -1.66
N LEU B 214 -2.25 -6.44 -1.40
CA LEU B 214 -2.62 -5.18 -2.05
C LEU B 214 -1.68 -4.05 -1.64
N SER B 215 -1.09 -4.18 -0.46
CA SER B 215 -0.10 -3.22 0.02
C SER B 215 1.16 -3.28 -0.83
N HIS B 216 1.52 -4.47 -1.29
CA HIS B 216 2.69 -4.68 -2.12
CA HIS B 216 2.70 -4.64 -2.11
C HIS B 216 2.43 -4.23 -3.55
N ILE B 217 1.20 -4.40 -4.00
CA ILE B 217 0.80 -3.94 -5.31
C ILE B 217 0.84 -2.42 -5.36
N ARG B 218 0.41 -1.78 -4.28
CA ARG B 218 0.53 -0.33 -4.17
C ARG B 218 1.99 0.09 -4.26
N HIS B 219 2.84 -0.64 -3.55
CA HIS B 219 4.28 -0.36 -3.53
C HIS B 219 4.88 -0.45 -4.94
N MET B 220 4.55 -1.52 -5.65
CA MET B 220 5.02 -1.71 -7.02
C MET B 220 4.53 -0.59 -7.93
N SER B 221 3.26 -0.21 -7.77
CA SER B 221 2.69 0.88 -8.54
C SER B 221 3.42 2.20 -8.30
N ASN B 222 3.68 2.51 -7.04
CA ASN B 222 4.41 3.73 -6.71
C ASN B 222 5.78 3.75 -7.37
N LYS B 223 6.50 2.65 -7.27
CA LYS B 223 7.82 2.53 -7.88
C LYS B 223 7.73 2.62 -9.39
N GLY B 224 6.73 1.94 -9.95
CA GLY B 224 6.50 1.97 -11.38
C GLY B 224 6.24 3.36 -11.93
N MET B 225 5.46 4.15 -11.21
CA MET B 225 5.14 5.51 -11.61
C MET B 225 6.38 6.39 -11.68
N GLU B 226 7.26 6.23 -10.71
CA GLU B 226 8.55 6.88 -10.74
C GLU B 226 9.41 6.48 -11.91
N HIS B 227 9.46 5.20 -12.25
CA HIS B 227 10.15 4.78 -13.45
C HIS B 227 9.55 5.42 -14.69
N LEU B 228 8.23 5.49 -14.75
CA LEU B 228 7.56 6.03 -15.90
C LEU B 228 7.82 7.50 -16.04
N TYR B 229 7.71 8.23 -14.95
CA TYR B 229 7.97 9.65 -14.97
C TYR B 229 9.39 9.88 -15.47
N SER B 230 10.28 8.96 -15.11
CA SER B 230 11.62 8.99 -15.64
C SER B 230 11.57 8.77 -17.14
N MET B 231 10.69 7.89 -17.61
CA MET B 231 10.62 7.62 -19.05
C MET B 231 10.12 8.81 -19.85
N LYS B 232 9.38 9.71 -19.22
CA LYS B 232 8.86 10.89 -19.91
C LYS B 232 9.97 11.91 -20.10
N CYS B 233 10.84 12.03 -19.10
CA CYS B 233 11.96 12.98 -19.16
C CYS B 233 13.09 12.55 -20.10
N LYS B 234 13.31 11.24 -20.30
CA LYS B 234 14.25 10.82 -21.34
C LYS B 234 13.68 11.15 -22.74
N ASN B 235 12.35 11.05 -22.89
CA ASN B 235 11.71 11.20 -24.20
C ASN B 235 12.37 10.31 -25.25
N VAL B 236 12.59 9.05 -24.89
CA VAL B 236 13.09 8.06 -25.82
C VAL B 236 12.00 7.01 -26.05
N VAL B 237 11.22 6.76 -25.02
CA VAL B 237 10.07 5.87 -25.11
C VAL B 237 8.80 6.67 -25.34
N PRO B 238 8.10 6.40 -26.44
CA PRO B 238 6.93 7.20 -26.81
C PRO B 238 5.70 6.87 -25.98
N LEU B 239 5.23 7.82 -25.19
CA LEU B 239 4.06 7.64 -24.34
C LEU B 239 2.83 8.28 -24.97
N SER B 240 1.70 7.59 -24.89
CA SER B 240 0.46 8.10 -25.46
C SER B 240 -0.06 9.27 -24.63
N ASP B 241 -0.99 10.02 -25.21
CA ASP B 241 -1.54 11.20 -24.56
C ASP B 241 -2.34 10.83 -23.30
N LEU B 242 -3.09 9.73 -23.36
CA LEU B 242 -3.83 9.27 -22.21
C LEU B 242 -2.89 8.87 -21.09
N LEU B 243 -1.80 8.18 -21.45
CA LEU B 243 -0.84 7.69 -20.47
C LEU B 243 -0.10 8.84 -19.80
N LEU B 244 0.25 9.86 -20.59
CA LEU B 244 0.90 11.05 -20.06
C LEU B 244 -0.02 11.78 -19.09
N GLU B 245 -1.30 11.85 -19.44
CA GLU B 245 -2.30 12.46 -18.57
C GLU B 245 -2.58 11.61 -17.34
N MET B 246 -2.27 10.31 -17.40
CA MET B 246 -2.36 9.46 -16.22
C MET B 246 -1.13 9.61 -15.33
N LEU B 247 -0.01 9.92 -15.97
CA LEU B 247 1.27 10.11 -15.28
C LEU B 247 1.35 11.45 -14.51
N ASP B 248 0.85 12.52 -15.12
CA ASP B 248 0.88 13.88 -14.53
C ASP B 248 -0.06 14.01 -13.31
N ALA B 249 -1.04 13.13 -13.22
CA ALA B 249 -2.04 13.12 -12.13
C ALA B 249 -1.40 12.70 -10.83
N HIS B 250 -0.35 11.90 -10.94
CA HIS B 250 0.41 11.49 -9.77
C HIS B 250 1.49 12.52 -9.47
N ARG B 251 1.77 13.39 -10.43
CA ARG B 251 2.73 14.47 -10.20
C ARG B 251 2.04 15.63 -9.48
N LEU B 252 0.71 15.58 -9.43
CA LEU B 252 -0.08 16.63 -8.80
C LEU B 252 -1.01 16.06 -7.73
N HIS C 2 29.92 -1.26 8.56
CA HIS C 2 29.02 -1.83 7.57
C HIS C 2 27.64 -1.17 7.66
N LYS C 3 26.88 -1.54 8.68
CA LYS C 3 25.56 -0.94 8.91
C LYS C 3 25.30 -0.66 10.39
N ILE C 4 24.92 0.58 10.68
CA ILE C 4 24.52 0.96 12.02
C ILE C 4 23.35 0.08 12.48
N LEU C 5 22.45 -0.21 11.54
CA LEU C 5 21.31 -1.06 11.81
C LEU C 5 21.72 -2.45 12.32
N HIS C 6 22.85 -2.94 11.84
CA HIS C 6 23.39 -4.21 12.32
C HIS C 6 23.73 -4.14 13.81
N ARG C 7 24.38 -3.05 14.20
CA ARG C 7 24.80 -2.87 15.58
C ARG C 7 23.60 -2.74 16.51
N LEU C 8 22.61 -1.95 16.10
CA LEU C 8 21.44 -1.68 16.92
C LEU C 8 20.61 -2.94 17.15
N LEU C 9 20.54 -3.80 16.15
CA LEU C 9 19.80 -5.06 16.26
C LEU C 9 20.52 -6.06 17.15
N GLN C 10 21.85 -6.09 17.08
CA GLN C 10 22.66 -6.96 17.93
C GLN C 10 22.92 -6.34 19.30
N ASP C 11 22.68 -5.04 19.41
CA ASP C 11 23.08 -4.25 20.57
C ASP C 11 24.59 -4.26 20.75
N HIS D 2 -12.81 17.90 -21.24
CA HIS D 2 -11.74 18.08 -20.27
C HIS D 2 -10.60 17.09 -20.51
N LYS D 3 -10.26 16.32 -19.48
CA LYS D 3 -9.24 15.29 -19.62
C LYS D 3 -9.73 14.14 -20.51
N ILE D 4 -8.78 13.40 -21.08
CA ILE D 4 -9.12 12.24 -21.91
C ILE D 4 -9.90 11.21 -21.09
N LEU D 5 -9.43 10.96 -19.88
CA LEU D 5 -10.11 10.04 -18.97
C LEU D 5 -11.54 10.50 -18.70
N HIS D 6 -11.69 11.80 -18.49
CA HIS D 6 -12.99 12.41 -18.29
C HIS D 6 -13.91 12.16 -19.49
N ARG D 7 -13.34 12.30 -20.68
CA ARG D 7 -14.06 12.06 -21.93
C ARG D 7 -14.52 10.62 -22.06
N LEU D 8 -13.59 9.69 -21.86
CA LEU D 8 -13.87 8.27 -22.03
C LEU D 8 -14.88 7.77 -21.00
N LEU D 9 -14.78 8.28 -19.78
CA LEU D 9 -15.74 7.96 -18.73
C LEU D 9 -17.12 8.51 -19.08
N GLN D 10 -17.15 9.61 -19.82
CA GLN D 10 -18.40 10.26 -20.18
C GLN D 10 -19.16 9.49 -21.26
N ASP D 11 -18.45 9.06 -22.28
CA ASP D 11 -19.07 8.31 -23.38
C ASP D 11 -19.50 6.92 -22.93
O01 5EU E . 8.05 16.22 2.22
C02 5EU E . 8.27 15.58 3.53
C03 5EU E . 8.59 16.36 4.69
C04 5EU E . 8.80 15.76 5.84
C05 5EU E . 8.69 14.38 5.92
C06 5EU E . 8.91 13.69 7.23
C07 5EU E . 10.25 13.35 7.72
C08 5EU E . 10.09 12.67 9.05
C09 5EU E . 11.23 12.24 9.81
C10 5EU E . 8.70 12.52 9.46
C11 5EU E . 8.30 11.87 10.80
C12 5EU E . 7.27 11.05 10.96
CL1 5EU E . 6.17 10.64 9.64
C14 5EU E . 6.97 10.48 12.18
C15 5EU E . 7.72 10.72 13.26
O16 5EU E . 7.35 10.13 14.41
C17 5EU E . 8.78 11.53 13.17
C18 5EU E . 9.09 12.10 11.92
S19 5EU E . 7.78 13.16 8.27
C20 5EU E . 8.39 13.64 4.84
CL2 5EU E . 8.26 11.92 4.98
C22 5EU E . 8.17 14.27 3.63
O01 5EU F . 10.98 -0.15 -14.26
C02 5EU F . 9.75 -0.49 -14.97
C03 5EU F . 9.72 -1.39 -16.07
C04 5EU F . 8.56 -1.67 -16.66
C05 5EU F . 7.36 -1.08 -16.23
C06 5EU F . 5.99 -1.31 -16.84
C07 5EU F . 5.32 -0.26 -17.64
C08 5EU F . 3.96 -0.76 -18.08
C09 5EU F . 3.07 0.01 -18.90
C10 5EU F . 3.67 -2.08 -17.58
C11 5EU F . 2.41 -2.93 -17.84
C12 5EU F . 1.85 -3.71 -16.90
CL1 5EU F . 2.46 -3.77 -15.21
C14 5EU F . 0.73 -4.46 -17.20
C15 5EU F . 0.19 -4.45 -18.44
O16 5EU F . -0.90 -5.21 -18.64
C17 5EU F . 0.74 -3.70 -19.42
C18 5EU F . 1.85 -2.92 -19.12
S19 5EU F . 4.97 -2.53 -16.72
C20 5EU F . 7.43 -0.22 -15.20
CL2 5EU F . 5.98 0.52 -14.62
C22 5EU F . 8.63 0.06 -14.55
#